data_8CM1
#
_entry.id   8CM1
#
_cell.length_a   113.414
_cell.length_b   113.414
_cell.length_c   34.150
_cell.angle_alpha   90.000
_cell.angle_beta   90.000
_cell.angle_gamma   90.000
#
_symmetry.space_group_name_H-M   'P 41 21 2'
#
loop_
_entity.id
_entity.type
_entity.pdbx_description
1 polymer 'Outer-membrane lipoprotein LolB'
2 water water
#
_entity_poly.entity_id   1
_entity_poly.type   'polypeptide(L)'
_entity_poly.pdbx_seq_one_letter_code
;MKHHHHHHPMSDYDIPTTENLYFQGAMCATAPLQPVNVQWQSHQVTLEQIQHYQLTGKLGYIAPDQRQSFNFQWQKSPQK
LSLRLSNFLGQTVLNLQVDEQGARVETYDDQIYRDQDAQSLIRNLTGLDIPVEQLEDWILGLPTQATHYELNEQNTLATL
TKLASTEEWHVEYQRYQAIEWQHQPIPLPDKLKLQQNKTSIQLVISQWTLLP
;
_entity_poly.pdbx_strand_id   A
#
# COMPACT_ATOMS: atom_id res chain seq x y z
N GLN A 34 15.22 -22.98 -15.54
CA GLN A 34 15.20 -22.05 -14.41
C GLN A 34 14.76 -22.66 -13.10
N PRO A 35 15.66 -22.64 -12.12
CA PRO A 35 15.35 -23.22 -10.82
C PRO A 35 14.45 -22.31 -9.99
N VAL A 36 13.65 -22.94 -9.13
CA VAL A 36 12.89 -22.22 -8.12
C VAL A 36 13.85 -21.40 -7.27
N ASN A 37 13.48 -20.16 -6.98
CA ASN A 37 14.28 -19.29 -6.12
C ASN A 37 13.84 -19.55 -4.68
N VAL A 38 14.60 -20.39 -3.97
CA VAL A 38 14.21 -20.80 -2.62
C VAL A 38 14.21 -19.62 -1.66
N GLN A 39 15.18 -18.70 -1.79
CA GLN A 39 15.23 -17.56 -0.88
C GLN A 39 14.01 -16.66 -1.05
N TRP A 40 13.59 -16.43 -2.30
CA TRP A 40 12.41 -15.60 -2.55
C TRP A 40 11.16 -16.28 -2.03
N GLN A 41 11.01 -17.59 -2.31
CA GLN A 41 9.80 -18.27 -1.84
C GLN A 41 9.75 -18.29 -0.31
N SER A 42 10.89 -18.49 0.34
CA SER A 42 10.91 -18.47 1.81
C SER A 42 10.55 -17.08 2.34
N HIS A 43 11.08 -16.02 1.70
CA HIS A 43 10.74 -14.66 2.10
C HIS A 43 9.24 -14.44 2.04
N GLN A 44 8.58 -14.97 1.00
CA GLN A 44 7.13 -14.81 0.89
C GLN A 44 6.40 -15.41 2.09
N VAL A 45 6.79 -16.61 2.52
CA VAL A 45 6.14 -17.24 3.67
C VAL A 45 6.29 -16.35 4.91
N THR A 46 7.48 -15.81 5.12
CA THR A 46 7.67 -14.93 6.27
C THR A 46 6.76 -13.69 6.18
N LEU A 47 6.71 -13.05 5.00
CA LEU A 47 5.83 -11.89 4.85
C LEU A 47 4.37 -12.23 5.14
N GLU A 48 3.94 -13.43 4.76
CA GLU A 48 2.55 -13.83 4.98
C GLU A 48 2.22 -13.95 6.48
N GLN A 49 3.24 -14.05 7.34
CA GLN A 49 3.04 -14.08 8.79
C GLN A 49 2.73 -12.70 9.36
N ILE A 50 3.06 -11.64 8.64
CA ILE A 50 2.98 -10.27 9.16
C ILE A 50 1.55 -9.78 8.91
N GLN A 51 0.66 -10.12 9.83
CA GLN A 51 -0.77 -9.90 9.66
CA GLN A 51 -0.75 -9.87 9.63
C GLN A 51 -1.30 -8.71 10.45
N HIS A 52 -0.56 -8.25 11.45
CA HIS A 52 -0.95 -7.13 12.29
CA HIS A 52 -0.95 -7.12 12.29
C HIS A 52 0.23 -6.15 12.33
N TYR A 53 0.03 -4.94 11.80
CA TYR A 53 1.13 -3.99 11.79
C TYR A 53 0.59 -2.58 11.55
N GLN A 54 1.46 -1.60 11.78
CA GLN A 54 1.20 -0.20 11.44
C GLN A 54 2.34 0.30 10.58
N LEU A 55 2.03 1.32 9.77
CA LEU A 55 3.02 1.92 8.91
C LEU A 55 2.69 3.40 8.77
N THR A 56 3.70 4.26 8.94
CA THR A 56 3.53 5.69 8.73
C THR A 56 4.58 6.19 7.75
N GLY A 57 4.26 7.28 7.06
CA GLY A 57 5.18 7.87 6.11
C GLY A 57 4.50 8.96 5.30
N LYS A 58 5.09 9.25 4.15
CA LYS A 58 4.55 10.23 3.22
C LYS A 58 4.08 9.54 1.94
N LEU A 59 3.01 10.07 1.36
CA LEU A 59 2.46 9.61 0.09
C LEU A 59 2.40 10.81 -0.84
N GLY A 60 3.22 10.79 -1.89
CA GLY A 60 3.23 11.85 -2.87
C GLY A 60 2.45 11.41 -4.09
N TYR A 61 1.44 12.19 -4.45
CA TYR A 61 0.50 11.82 -5.49
C TYR A 61 0.59 12.84 -6.62
N ILE A 62 0.80 12.35 -7.85
CA ILE A 62 0.89 13.22 -9.03
C ILE A 62 0.03 12.63 -10.13
N ALA A 63 -0.92 13.42 -10.61
CA ALA A 63 -1.75 13.02 -11.75
C ALA A 63 -2.09 14.29 -12.52
N PRO A 64 -2.60 14.15 -13.74
CA PRO A 64 -2.96 15.37 -14.50
C PRO A 64 -4.02 16.21 -13.81
N ASP A 65 -4.91 15.60 -13.05
CA ASP A 65 -6.01 16.35 -12.43
C ASP A 65 -5.65 16.97 -11.08
N GLN A 66 -4.61 16.48 -10.40
CA GLN A 66 -4.27 17.01 -9.09
C GLN A 66 -2.92 16.46 -8.63
N ARG A 67 -2.25 17.23 -7.77
CA ARG A 67 -1.03 16.80 -7.10
C ARG A 67 -1.20 17.05 -5.61
N GLN A 68 -0.78 16.07 -4.80
CA GLN A 68 -0.97 16.15 -3.36
C GLN A 68 0.23 15.55 -2.65
N SER A 69 0.50 16.06 -1.45
CA SER A 69 1.54 15.55 -0.56
CA SER A 69 1.54 15.54 -0.57
C SER A 69 0.87 15.23 0.77
N PHE A 70 0.75 13.94 1.10
CA PHE A 70 0.02 13.53 2.29
C PHE A 70 0.92 12.82 3.30
N ASN A 71 0.57 12.96 4.57
CA ASN A 71 0.96 11.99 5.58
C ASN A 71 0.01 10.82 5.50
N PHE A 72 0.54 9.61 5.65
CA PHE A 72 -0.32 8.44 5.72
C PHE A 72 -0.09 7.67 7.02
N GLN A 73 -1.18 7.11 7.55
CA GLN A 73 -1.14 6.20 8.68
C GLN A 73 -1.94 4.95 8.28
N TRP A 74 -1.25 3.85 8.11
CA TRP A 74 -1.80 2.60 7.58
C TRP A 74 -1.76 1.56 8.70
N GLN A 75 -2.92 1.01 9.05
CA GLN A 75 -3.02 0.02 10.11
C GLN A 75 -3.72 -1.22 9.57
N LYS A 76 -3.06 -2.36 9.69
CA LYS A 76 -3.57 -3.60 9.12
C LYS A 76 -3.74 -4.65 10.20
N SER A 77 -4.88 -5.36 10.15
CA SER A 77 -5.08 -6.54 10.97
C SER A 77 -5.78 -7.56 10.09
N PRO A 78 -5.90 -8.82 10.50
CA PRO A 78 -6.56 -9.80 9.63
C PRO A 78 -7.94 -9.30 9.23
N GLN A 79 -8.22 -9.37 7.92
CA GLN A 79 -9.49 -8.99 7.31
C GLN A 79 -9.88 -7.52 7.53
N LYS A 80 -8.94 -6.64 7.94
CA LYS A 80 -9.30 -5.26 8.23
C LYS A 80 -8.17 -4.30 7.87
N LEU A 81 -8.55 -3.09 7.47
CA LEU A 81 -7.57 -2.07 7.09
C LEU A 81 -8.10 -0.69 7.45
N SER A 82 -7.23 0.13 8.05
CA SER A 82 -7.52 1.54 8.29
C SER A 82 -6.44 2.35 7.61
N LEU A 83 -6.83 3.37 6.85
CA LEU A 83 -5.88 4.27 6.21
C LEU A 83 -6.34 5.70 6.41
N ARG A 84 -5.51 6.50 7.08
CA ARG A 84 -5.77 7.91 7.27
C ARG A 84 -4.78 8.71 6.44
N LEU A 85 -5.29 9.65 5.64
CA LEU A 85 -4.46 10.60 4.92
C LEU A 85 -4.67 11.96 5.55
N SER A 86 -3.59 12.69 5.77
CA SER A 86 -3.68 14.03 6.31
C SER A 86 -2.75 14.95 5.51
N ASN A 87 -3.00 16.25 5.63
CA ASN A 87 -2.20 17.19 4.87
C ASN A 87 -0.90 17.50 5.61
N PHE A 88 -0.10 18.38 5.01
CA PHE A 88 1.21 18.61 5.59
C PHE A 88 1.13 19.31 6.94
N LEU A 89 -0.03 19.84 7.32
CA LEU A 89 -0.24 20.44 8.63
C LEU A 89 -0.92 19.50 9.62
N GLY A 90 -1.21 18.27 9.22
CA GLY A 90 -1.75 17.27 10.13
C GLY A 90 -3.25 17.12 10.13
N GLN A 91 -3.98 17.91 9.34
CA GLN A 91 -5.44 17.85 9.32
C GLN A 91 -5.91 16.71 8.41
N THR A 92 -6.95 16.00 8.86
CA THR A 92 -7.43 14.82 8.14
C THR A 92 -8.02 15.17 6.79
N VAL A 93 -7.53 14.49 5.75
CA VAL A 93 -8.08 14.60 4.41
C VAL A 93 -9.11 13.51 4.14
N LEU A 94 -8.85 12.29 4.63
CA LEU A 94 -9.68 11.15 4.34
C LEU A 94 -9.35 10.07 5.35
N ASN A 95 -10.37 9.35 5.84
CA ASN A 95 -10.21 8.17 6.68
CA ASN A 95 -10.18 8.17 6.65
C ASN A 95 -10.94 7.02 6.01
N LEU A 96 -10.22 5.95 5.68
CA LEU A 96 -10.78 4.76 5.06
C LEU A 96 -10.75 3.61 6.06
N GLN A 97 -11.86 2.88 6.13
CA GLN A 97 -11.93 1.64 6.88
C GLN A 97 -12.45 0.56 5.96
N VAL A 98 -11.74 -0.57 5.87
CA VAL A 98 -12.18 -1.72 5.09
C VAL A 98 -12.34 -2.91 6.01
N ASP A 99 -13.49 -3.57 5.92
CA ASP A 99 -13.71 -4.80 6.68
C ASP A 99 -14.57 -5.73 5.83
N GLU A 100 -15.09 -6.78 6.48
CA GLU A 100 -15.96 -7.72 5.78
C GLU A 100 -17.21 -7.06 5.20
N GLN A 101 -17.72 -6.00 5.84
CA GLN A 101 -18.93 -5.37 5.34
C GLN A 101 -18.67 -4.57 4.06
N GLY A 102 -17.45 -4.12 3.86
CA GLY A 102 -17.14 -3.29 2.70
C GLY A 102 -16.23 -2.14 3.07
N ALA A 103 -16.26 -1.06 2.29
CA ALA A 103 -15.41 0.09 2.54
C ALA A 103 -16.24 1.26 3.06
N ARG A 104 -15.63 2.04 3.94
CA ARG A 104 -16.25 3.21 4.53
C ARG A 104 -15.23 4.34 4.47
N VAL A 105 -15.65 5.48 3.93
CA VAL A 105 -14.78 6.66 3.83
C VAL A 105 -15.44 7.82 4.56
N GLU A 106 -14.71 8.43 5.49
CA GLU A 106 -15.11 9.69 6.07
C GLU A 106 -14.28 10.74 5.35
N THR A 107 -14.97 11.66 4.68
CA THR A 107 -14.27 12.62 3.83
C THR A 107 -13.78 13.79 4.65
N TYR A 108 -13.15 14.72 3.95
CA TYR A 108 -12.54 15.85 4.62
CA TYR A 108 -12.53 15.86 4.61
C TYR A 108 -13.57 16.64 5.43
N ASP A 109 -14.77 16.84 4.87
CA ASP A 109 -15.84 17.59 5.48
C ASP A 109 -16.74 16.73 6.37
N ASP A 110 -16.30 15.52 6.73
CA ASP A 110 -16.99 14.66 7.68
C ASP A 110 -18.30 14.12 7.13
N GLN A 111 -18.39 14.00 5.81
CA GLN A 111 -19.43 13.19 5.23
C GLN A 111 -18.98 11.74 5.23
N ILE A 112 -19.94 10.83 5.33
CA ILE A 112 -19.65 9.40 5.45
C ILE A 112 -20.23 8.67 4.25
N TYR A 113 -19.40 7.87 3.59
CA TYR A 113 -19.83 7.11 2.43
C TYR A 113 -19.44 5.65 2.57
N ARG A 114 -20.32 4.75 2.10
CA ARG A 114 -20.04 3.33 2.13
CA ARG A 114 -20.05 3.32 2.13
C ARG A 114 -20.23 2.75 0.73
N ASP A 115 -19.41 1.75 0.42
CA ASP A 115 -19.51 0.99 -0.83
C ASP A 115 -18.68 -0.28 -0.69
N GLN A 116 -18.69 -1.08 -1.76
CA GLN A 116 -18.05 -2.38 -1.72
C GLN A 116 -16.57 -2.37 -2.07
N ASP A 117 -16.09 -1.38 -2.83
CA ASP A 117 -14.70 -1.36 -3.27
C ASP A 117 -14.04 -0.04 -2.86
N ALA A 118 -12.95 -0.14 -2.08
CA ALA A 118 -12.32 1.05 -1.53
C ALA A 118 -11.71 1.93 -2.61
N GLN A 119 -10.98 1.34 -3.56
CA GLN A 119 -10.36 2.13 -4.62
C GLN A 119 -11.39 2.93 -5.40
N SER A 120 -12.48 2.27 -5.81
CA SER A 120 -13.53 2.97 -6.55
CA SER A 120 -13.53 2.97 -6.55
C SER A 120 -14.17 4.06 -5.71
N LEU A 121 -14.39 3.78 -4.42
CA LEU A 121 -15.04 4.75 -3.56
C LEU A 121 -14.16 5.99 -3.38
N ILE A 122 -12.88 5.79 -3.07
CA ILE A 122 -11.98 6.92 -2.92
C ILE A 122 -11.92 7.75 -4.21
N ARG A 123 -11.85 7.07 -5.36
CA ARG A 123 -11.78 7.79 -6.62
C ARG A 123 -13.03 8.63 -6.85
N ASN A 124 -14.20 8.07 -6.55
CA ASN A 124 -15.44 8.79 -6.78
C ASN A 124 -15.59 9.99 -5.85
N LEU A 125 -14.99 9.93 -4.66
CA LEU A 125 -15.16 10.99 -3.67
C LEU A 125 -14.10 12.08 -3.78
N THR A 126 -12.91 11.75 -4.29
CA THR A 126 -11.75 12.63 -4.23
C THR A 126 -11.02 12.78 -5.55
N GLY A 127 -11.25 11.90 -6.53
CA GLY A 127 -10.45 11.84 -7.73
C GLY A 127 -9.15 11.07 -7.59
N LEU A 128 -8.73 10.73 -6.37
CA LEU A 128 -7.48 10.01 -6.17
C LEU A 128 -7.66 8.54 -6.54
N ASP A 129 -6.67 7.98 -7.23
CA ASP A 129 -6.68 6.59 -7.67
C ASP A 129 -5.60 5.85 -6.89
N ILE A 130 -5.99 5.15 -5.85
CA ILE A 130 -5.07 4.48 -4.94
C ILE A 130 -5.44 3.00 -4.93
N PRO A 131 -4.54 2.10 -5.36
CA PRO A 131 -4.90 0.67 -5.49
C PRO A 131 -4.80 -0.06 -4.15
N VAL A 132 -5.78 0.24 -3.29
CA VAL A 132 -5.74 -0.19 -1.89
C VAL A 132 -5.64 -1.71 -1.77
N GLU A 133 -6.46 -2.45 -2.51
CA GLU A 133 -6.45 -3.91 -2.37
C GLU A 133 -5.09 -4.49 -2.72
N GLN A 134 -4.51 -4.05 -3.84
CA GLN A 134 -3.21 -4.57 -4.24
C GLN A 134 -2.13 -4.18 -3.25
N LEU A 135 -2.21 -2.97 -2.68
CA LEU A 135 -1.21 -2.49 -1.73
C LEU A 135 -1.14 -3.36 -0.48
N GLU A 136 -2.22 -4.04 -0.12
CA GLU A 136 -2.15 -4.94 1.03
C GLU A 136 -1.07 -6.01 0.84
N ASP A 137 -0.78 -6.38 -0.41
CA ASP A 137 0.37 -7.22 -0.71
C ASP A 137 1.63 -6.40 -1.00
N TRP A 138 1.51 -5.40 -1.89
CA TRP A 138 2.70 -4.71 -2.39
C TRP A 138 3.47 -4.00 -1.29
N ILE A 139 2.76 -3.47 -0.29
CA ILE A 139 3.43 -2.65 0.74
C ILE A 139 4.40 -3.48 1.55
N LEU A 140 4.15 -4.80 1.67
CA LEU A 140 5.05 -5.69 2.39
C LEU A 140 6.12 -6.28 1.51
N GLY A 141 6.00 -6.12 0.19
CA GLY A 141 6.89 -6.81 -0.73
C GLY A 141 6.36 -8.13 -1.27
N LEU A 142 5.06 -8.37 -1.16
CA LEU A 142 4.41 -9.55 -1.74
C LEU A 142 3.80 -9.19 -3.08
N PRO A 143 3.85 -10.08 -4.04
CA PRO A 143 3.09 -9.89 -5.27
C PRO A 143 1.65 -10.29 -5.03
N THR A 144 0.77 -9.74 -5.83
CA THR A 144 -0.57 -10.32 -5.89
C THR A 144 -0.55 -11.55 -6.79
N GLN A 145 -1.71 -12.14 -7.01
CA GLN A 145 -1.82 -13.13 -8.07
C GLN A 145 -1.87 -12.43 -9.42
N ALA A 146 -1.68 -13.21 -10.49
CA ALA A 146 -1.86 -12.74 -11.87
C ALA A 146 -1.03 -11.49 -12.16
N THR A 147 0.29 -11.65 -12.06
CA THR A 147 1.22 -10.52 -12.09
C THR A 147 2.50 -10.98 -12.75
N HIS A 148 3.28 -10.02 -13.24
CA HIS A 148 4.64 -10.28 -13.69
C HIS A 148 5.60 -9.50 -12.82
N TYR A 149 6.74 -10.09 -12.48
CA TYR A 149 7.71 -9.35 -11.69
C TYR A 149 9.13 -9.82 -11.94
N GLU A 150 10.07 -8.98 -11.49
CA GLU A 150 11.50 -9.27 -11.52
C GLU A 150 12.05 -9.07 -10.11
N LEU A 151 13.00 -9.92 -9.73
CA LEU A 151 13.65 -9.84 -8.42
C LEU A 151 14.95 -9.04 -8.51
N ASN A 152 15.37 -8.50 -7.37
CA ASN A 152 16.68 -7.90 -7.26
C ASN A 152 17.70 -8.97 -6.86
N GLU A 153 18.97 -8.57 -6.74
CA GLU A 153 20.00 -9.53 -6.37
C GLU A 153 19.88 -10.02 -4.92
N GLN A 154 19.04 -9.39 -4.11
CA GLN A 154 18.78 -9.83 -2.75
C GLN A 154 17.56 -10.73 -2.66
N ASN A 155 17.03 -11.19 -3.80
CA ASN A 155 15.93 -12.16 -3.85
C ASN A 155 14.62 -11.60 -3.31
N THR A 156 14.41 -10.30 -3.45
CA THR A 156 13.13 -9.66 -3.13
C THR A 156 12.65 -8.92 -4.39
N LEU A 157 11.42 -8.39 -4.35
CA LEU A 157 10.87 -7.73 -5.53
C LEU A 157 11.69 -6.50 -5.91
N ALA A 158 11.98 -6.37 -7.20
CA ALA A 158 12.56 -5.16 -7.77
C ALA A 158 11.53 -4.34 -8.53
N THR A 159 10.82 -4.98 -9.46
CA THR A 159 9.79 -4.32 -10.25
C THR A 159 8.66 -5.30 -10.48
N LEU A 160 7.46 -4.77 -10.68
CA LEU A 160 6.29 -5.62 -10.84
C LEU A 160 5.29 -4.90 -11.75
N THR A 161 4.53 -5.68 -12.52
CA THR A 161 3.47 -5.17 -13.37
C THR A 161 2.18 -5.93 -13.06
N LYS A 162 1.08 -5.20 -12.96
CA LYS A 162 -0.23 -5.80 -12.66
C LYS A 162 -1.31 -5.09 -13.46
N LEU A 163 -1.99 -5.84 -14.33
CA LEU A 163 -3.16 -5.32 -15.05
C LEU A 163 -4.38 -5.55 -14.18
N ALA A 164 -4.99 -4.46 -13.70
CA ALA A 164 -6.10 -4.52 -12.76
C ALA A 164 -7.18 -3.54 -13.20
N SER A 165 -8.33 -4.05 -13.62
CA SER A 165 -9.49 -3.22 -13.95
C SER A 165 -9.13 -2.12 -14.94
N THR A 166 -8.49 -2.52 -16.04
CA THR A 166 -8.03 -1.71 -17.18
C THR A 166 -6.84 -0.84 -16.84
N GLU A 167 -6.35 -0.84 -15.61
CA GLU A 167 -5.17 -0.06 -15.24
C GLU A 167 -3.96 -0.99 -15.18
N GLU A 168 -2.92 -0.65 -15.96
CA GLU A 168 -1.65 -1.39 -15.91
C GLU A 168 -0.71 -0.71 -14.93
N TRP A 169 -0.62 -1.26 -13.72
CA TRP A 169 0.25 -0.68 -12.70
C TRP A 169 1.68 -1.17 -12.87
N HIS A 170 2.62 -0.24 -12.75
CA HIS A 170 4.05 -0.51 -12.71
C HIS A 170 4.55 -0.12 -11.33
N VAL A 171 5.10 -1.09 -10.60
CA VAL A 171 5.52 -0.89 -9.23
C VAL A 171 7.04 -1.06 -9.16
N GLU A 172 7.72 -0.11 -8.51
CA GLU A 172 9.17 -0.11 -8.39
C GLU A 172 9.54 -0.09 -6.91
N TYR A 173 10.31 -1.09 -6.47
CA TYR A 173 10.81 -1.19 -5.10
C TYR A 173 12.17 -0.51 -5.08
N GLN A 174 12.18 0.76 -4.68
CA GLN A 174 13.39 1.57 -4.76
C GLN A 174 14.37 1.30 -3.62
N ARG A 175 13.87 0.95 -2.43
CA ARG A 175 14.75 0.75 -1.29
C ARG A 175 14.03 -0.09 -0.24
N TYR A 176 14.81 -0.91 0.46
CA TYR A 176 14.34 -1.74 1.56
C TYR A 176 15.07 -1.34 2.83
N GLN A 177 14.44 -1.64 3.96
CA GLN A 177 15.01 -1.47 5.29
C GLN A 177 14.81 -2.76 6.07
N ALA A 178 15.83 -3.18 6.81
CA ALA A 178 15.73 -4.38 7.62
C ALA A 178 14.93 -4.08 8.89
N ILE A 179 13.87 -4.84 9.12
CA ILE A 179 12.98 -4.66 10.26
C ILE A 179 12.96 -5.96 11.05
N GLU A 180 13.03 -5.87 12.38
CA GLU A 180 12.99 -7.06 13.23
C GLU A 180 11.59 -7.68 13.24
N TRP A 181 11.50 -8.97 12.90
CA TRP A 181 10.27 -9.73 12.99
C TRP A 181 10.58 -11.03 13.70
N GLN A 182 9.99 -11.24 14.88
CA GLN A 182 10.24 -12.44 15.68
C GLN A 182 11.74 -12.70 15.81
N HIS A 183 12.49 -11.66 16.11
CA HIS A 183 13.93 -11.69 16.38
C HIS A 183 14.79 -11.90 15.14
N GLN A 184 14.22 -11.81 13.94
CA GLN A 184 15.02 -11.92 12.72
C GLN A 184 14.87 -10.67 11.87
N PRO A 185 15.96 -10.13 11.32
CA PRO A 185 15.85 -8.98 10.42
C PRO A 185 15.29 -9.43 9.09
N ILE A 186 14.21 -8.79 8.66
CA ILE A 186 13.55 -9.09 7.39
CA ILE A 186 13.55 -9.09 7.39
C ILE A 186 13.50 -7.81 6.57
N PRO A 187 13.87 -7.84 5.29
CA PRO A 187 13.76 -6.62 4.46
C PRO A 187 12.30 -6.29 4.15
N LEU A 188 11.91 -5.07 4.46
CA LEU A 188 10.60 -4.53 4.11
C LEU A 188 10.79 -3.25 3.30
N PRO A 189 9.87 -2.93 2.39
CA PRO A 189 10.03 -1.72 1.59
C PRO A 189 10.09 -0.46 2.45
N ASP A 190 10.99 0.46 2.11
CA ASP A 190 10.88 1.79 2.71
C ASP A 190 10.80 2.91 1.69
N LYS A 191 10.89 2.59 0.39
CA LYS A 191 10.64 3.55 -0.68
C LYS A 191 10.07 2.76 -1.84
N LEU A 192 8.85 3.11 -2.26
CA LEU A 192 8.08 2.33 -3.22
C LEU A 192 7.33 3.31 -4.12
N LYS A 193 7.34 3.07 -5.43
CA LYS A 193 6.65 3.93 -6.38
C LYS A 193 5.69 3.11 -7.22
N LEU A 194 4.46 3.60 -7.39
CA LEU A 194 3.43 2.93 -8.16
C LEU A 194 2.97 3.88 -9.26
N GLN A 195 2.78 3.39 -10.48
CA GLN A 195 2.40 4.26 -11.58
CA GLN A 195 2.43 4.24 -11.61
C GLN A 195 1.46 3.52 -12.53
N GLN A 196 0.45 4.23 -13.00
CA GLN A 196 -0.40 3.72 -14.07
C GLN A 196 -0.88 4.92 -14.89
N ASN A 197 -0.85 4.77 -16.21
CA ASN A 197 -1.21 5.87 -17.10
C ASN A 197 -0.39 7.09 -16.71
N LYS A 198 -1.05 8.18 -16.35
CA LYS A 198 -0.45 9.45 -16.00
C LYS A 198 -0.35 9.66 -14.50
N THR A 199 -0.67 8.64 -13.70
CA THR A 199 -0.78 8.78 -12.25
C THR A 199 0.41 8.10 -11.60
N SER A 200 1.07 8.80 -10.66
CA SER A 200 2.14 8.19 -9.88
C SER A 200 1.94 8.43 -8.39
N ILE A 201 2.30 7.42 -7.62
CA ILE A 201 2.23 7.45 -6.16
C ILE A 201 3.62 7.10 -5.64
N GLN A 202 4.22 8.02 -4.90
CA GLN A 202 5.53 7.79 -4.30
C GLN A 202 5.35 7.63 -2.80
N LEU A 203 5.66 6.45 -2.28
CA LEU A 203 5.60 6.20 -0.85
C LEU A 203 7.01 6.29 -0.28
N VAL A 204 7.14 7.02 0.83
CA VAL A 204 8.41 7.07 1.57
C VAL A 204 8.08 6.77 3.02
N ILE A 205 8.67 5.73 3.55
CA ILE A 205 8.30 5.21 4.87
C ILE A 205 9.06 5.92 5.98
N SER A 206 8.34 6.28 7.04
CA SER A 206 8.95 6.74 8.28
C SER A 206 9.16 5.59 9.27
N GLN A 207 8.09 4.85 9.61
CA GLN A 207 8.15 3.87 10.69
C GLN A 207 7.28 2.66 10.39
N TRP A 208 7.91 1.47 10.35
CA TRP A 208 7.20 0.19 10.44
C TRP A 208 7.03 -0.20 11.91
N THR A 209 5.83 -0.62 12.30
CA THR A 209 5.60 -1.12 13.66
C THR A 209 4.91 -2.48 13.52
N LEU A 210 5.67 -3.55 13.67
CA LEU A 210 5.14 -4.90 13.52
C LEU A 210 4.57 -5.35 14.86
N LEU A 211 3.38 -5.92 14.84
CA LEU A 211 2.63 -6.20 16.06
C LEU A 211 2.43 -7.70 16.22
N PRO A 212 2.26 -8.18 17.46
CA PRO A 212 1.90 -9.59 17.70
C PRO A 212 0.63 -10.02 16.96
#